data_3TZM
#
_entry.id   3TZM
#
_cell.length_a   41.771
_cell.length_b   77.726
_cell.length_c   90.070
_cell.angle_alpha   90.00
_cell.angle_beta   90.00
_cell.angle_gamma   90.00
#
_symmetry.space_group_name_H-M   'P 21 21 21'
#
loop_
_entity.id
_entity.type
_entity.pdbx_description
1 polymer 'TGF-beta receptor type-1'
2 non-polymer 4-[5-(1,3-benzodioxol-5-yl)-4-(pyridin-2-yl)-1H-imidazol-2-yl]benzamide
3 water water
#
_entity_poly.entity_id   1
_entity_poly.type   'polypeptide(L)'
_entity_poly.pdbx_seq_one_letter_code
;GAMGSTIARTIVLQESIGKGRFGEVWRGKWRGEEVAVKIFSSREERSWFREAEIYQTVMLRHENILGFIAADNKDNGTWT
QLWLVSDYHEHGSLFDYLNRYTVTVEGMIKLALSTASGLAHLHMEIVGTQGKPAIAHRDLKSKNILVKKNGTCCIADLGL
AVRHDSATDTIDIAPNHRVGTKRYMAPEVLDDSINMKHFESFKRADIYAMGLVFWEIARRCSIGGIHEDYQLPYYDLVPS
DPSVEEMRKVVCEQKLRPNIPNRWQSCEALRVMAKIMRECWYANGAARLTALRIKKTLSQLSQQEGIKM
;
_entity_poly.pdbx_strand_id   A
#
loop_
_chem_comp.id
_chem_comp.type
_chem_comp.name
_chem_comp.formula
085 non-polymer 4-[5-(1,3-benzodioxol-5-yl)-4-(pyridin-2-yl)-1H-imidazol-2-yl]benzamide 'C22 H16 N4 O3'
#
# COMPACT_ATOMS: atom_id res chain seq x y z
N THR A 6 -7.40 16.44 24.02
CA THR A 6 -6.55 17.53 23.48
C THR A 6 -6.10 17.24 22.04
N ILE A 7 -6.63 16.16 21.47
CA ILE A 7 -6.42 15.90 20.05
C ILE A 7 -7.67 16.29 19.27
N ALA A 8 -8.64 15.38 19.20
CA ALA A 8 -9.85 15.60 18.42
C ALA A 8 -10.56 16.91 18.77
N ARG A 9 -10.63 17.22 20.07
CA ARG A 9 -11.29 18.43 20.57
C ARG A 9 -10.80 19.73 19.90
N THR A 10 -9.53 19.74 19.49
CA THR A 10 -8.83 20.93 18.99
C THR A 10 -8.62 20.91 17.46
N ILE A 11 -9.21 19.95 16.78
CA ILE A 11 -9.08 19.86 15.33
C ILE A 11 -10.36 20.36 14.66
N VAL A 12 -10.22 21.12 13.59
CA VAL A 12 -11.38 21.63 12.85
C VAL A 12 -11.35 21.01 11.45
N LEU A 13 -12.44 20.34 11.07
CA LEU A 13 -12.54 19.73 9.74
C LEU A 13 -12.82 20.81 8.71
N GLN A 14 -12.12 20.74 7.58
CA GLN A 14 -12.19 21.79 6.57
C GLN A 14 -12.73 21.33 5.22
N GLU A 15 -12.41 20.10 4.83
CA GLU A 15 -12.68 19.63 3.48
C GLU A 15 -12.82 18.12 3.44
N SER A 16 -13.87 17.61 2.79
CA SER A 16 -14.02 16.18 2.61
C SER A 16 -13.11 15.73 1.49
N ILE A 17 -12.29 14.71 1.75
CA ILE A 17 -11.29 14.34 0.74
C ILE A 17 -11.35 12.90 0.25
N GLY A 18 -12.31 12.13 0.76
CA GLY A 18 -12.56 10.81 0.17
C GLY A 18 -12.98 9.81 1.22
N LYS A 19 -13.09 8.56 0.79
CA LYS A 19 -13.53 7.48 1.66
C LYS A 19 -12.41 6.47 1.90
N GLY A 20 -12.40 5.88 3.08
CA GLY A 20 -11.57 4.71 3.34
C GLY A 20 -12.38 3.46 3.00
N ARG A 21 -11.82 2.29 3.34
CA ARG A 21 -12.57 1.04 3.25
C ARG A 21 -13.84 1.17 4.10
N PHE A 22 -13.64 1.59 5.33
CA PHE A 22 -14.67 2.15 6.19
C PHE A 22 -14.20 3.53 6.62
N GLY A 23 -15.14 4.42 6.86
CA GLY A 23 -14.75 5.74 7.34
C GLY A 23 -14.56 6.76 6.24
N GLU A 24 -14.66 8.02 6.63
CA GLU A 24 -14.61 9.14 5.71
C GLU A 24 -13.35 9.91 6.06
N VAL A 25 -12.59 10.31 5.04
CA VAL A 25 -11.36 11.06 5.24
C VAL A 25 -11.56 12.57 5.02
N TRP A 26 -11.02 13.37 5.91
CA TRP A 26 -11.15 14.84 5.88
C TRP A 26 -9.78 15.50 6.00
N ARG A 27 -9.65 16.69 5.43
CA ARG A 27 -8.50 17.56 5.72
C ARG A 27 -8.90 18.43 6.91
N GLY A 28 -8.13 18.34 7.99
CA GLY A 28 -8.46 19.15 9.18
C GLY A 28 -7.29 20.02 9.54
N LYS A 29 -7.49 20.88 10.53
CA LYS A 29 -6.47 21.79 10.98
C LYS A 29 -6.25 21.52 12.47
N TRP A 30 -5.00 21.27 12.86
CA TRP A 30 -4.63 20.98 14.24
C TRP A 30 -3.48 21.89 14.65
N ARG A 31 -3.71 22.76 15.64
CA ARG A 31 -2.76 23.82 16.01
C ARG A 31 -2.17 24.51 14.79
N GLY A 32 -3.06 24.90 13.87
CA GLY A 32 -2.70 25.62 12.65
C GLY A 32 -2.14 24.81 11.49
N GLU A 33 -1.94 23.51 11.71
CA GLU A 33 -1.32 22.59 10.75
C GLU A 33 -2.35 21.73 10.06
N GLU A 34 -2.13 21.42 8.79
CA GLU A 34 -3.03 20.47 8.12
C GLU A 34 -2.75 19.07 8.63
N VAL A 35 -3.82 18.35 8.91
CA VAL A 35 -3.76 16.93 9.25
C VAL A 35 -4.84 16.20 8.46
N ALA A 36 -4.67 14.89 8.30
CA ALA A 36 -5.74 14.06 7.75
C ALA A 36 -6.48 13.37 8.88
N VAL A 37 -7.80 13.37 8.79
CA VAL A 37 -8.66 12.73 9.79
C VAL A 37 -9.55 11.69 9.13
N LYS A 38 -9.49 10.44 9.61
CA LYS A 38 -10.40 9.41 9.14
C LYS A 38 -11.43 9.16 10.23
N ILE A 39 -12.71 9.31 9.86
CA ILE A 39 -13.79 9.25 10.83
C ILE A 39 -14.67 8.03 10.61
N PHE A 40 -14.89 7.28 11.69
CA PHE A 40 -15.70 6.08 11.67
C PHE A 40 -16.91 6.28 12.59
N SER A 41 -18.02 5.58 12.29
CA SER A 41 -19.18 5.61 13.17
C SER A 41 -19.04 4.58 14.29
N SER A 42 -19.93 4.65 15.27
CA SER A 42 -19.92 3.73 16.42
C SER A 42 -20.00 2.26 16.00
N ARG A 43 -20.73 1.95 14.92
CA ARG A 43 -20.88 0.56 14.48
C ARG A 43 -19.67 0.03 13.69
N GLU A 44 -18.68 0.90 13.46
CA GLU A 44 -17.43 0.53 12.78
C GLU A 44 -16.27 0.47 13.76
N GLU A 45 -16.58 0.29 15.04
CA GLU A 45 -15.57 0.38 16.09
C GLU A 45 -14.48 -0.67 15.92
N ARG A 46 -14.85 -1.88 15.51
CA ARG A 46 -13.83 -2.94 15.30
C ARG A 46 -12.80 -2.57 14.24
N SER A 47 -13.26 -1.94 13.15
CA SER A 47 -12.38 -1.50 12.07
CA SER A 47 -12.36 -1.52 12.08
C SER A 47 -11.45 -0.39 12.53
N TRP A 48 -12.03 0.59 13.22
CA TRP A 48 -11.29 1.72 13.74
C TRP A 48 -10.25 1.25 14.75
N PHE A 49 -10.68 0.36 15.64
CA PHE A 49 -9.78 -0.08 16.71
C PHE A 49 -8.62 -0.85 16.12
N ARG A 50 -8.91 -1.72 15.16
CA ARG A 50 -7.83 -2.55 14.58
C ARG A 50 -6.81 -1.68 13.86
N GLU A 51 -7.27 -0.67 13.13
CA GLU A 51 -6.32 0.22 12.46
C GLU A 51 -5.52 1.01 13.49
N ALA A 52 -6.18 1.50 14.54
CA ALA A 52 -5.48 2.19 15.63
C ALA A 52 -4.39 1.28 16.23
N GLU A 53 -4.76 0.03 16.43
CA GLU A 53 -3.86 -0.94 17.02
C GLU A 53 -2.63 -1.15 16.15
N ILE A 54 -2.81 -1.31 14.83
CA ILE A 54 -1.67 -1.50 13.96
C ILE A 54 -0.75 -0.27 13.97
N TYR A 55 -1.33 0.91 13.86
CA TYR A 55 -0.54 2.12 13.84
C TYR A 55 0.20 2.38 15.13
N GLN A 56 -0.27 1.80 16.24
CA GLN A 56 0.40 1.97 17.52
C GLN A 56 1.43 0.91 17.81
N THR A 57 1.70 0.06 16.82
CA THR A 57 2.72 -0.99 16.95
C THR A 57 4.07 -0.38 17.35
N VAL A 58 4.74 -0.96 18.34
CA VAL A 58 6.04 -0.39 18.72
C VAL A 58 7.04 -0.41 17.56
N MET A 59 7.77 0.70 17.44
CA MET A 59 8.81 0.90 16.44
C MET A 59 8.28 0.92 15.01
N LEU A 60 6.99 1.18 14.81
CA LEU A 60 6.43 1.23 13.45
C LEU A 60 6.88 2.44 12.63
N ARG A 61 7.08 3.59 13.28
CA ARG A 61 7.33 4.83 12.54
C ARG A 61 8.52 4.72 11.60
N HIS A 62 8.33 5.26 10.40
CA HIS A 62 9.33 5.17 9.34
C HIS A 62 8.95 6.19 8.29
N GLU A 63 9.93 6.74 7.59
CA GLU A 63 9.62 7.79 6.62
C GLU A 63 8.68 7.34 5.50
N ASN A 64 8.62 6.03 5.26
CA ASN A 64 7.76 5.51 4.21
C ASN A 64 6.53 4.77 4.70
N ILE A 65 6.15 5.04 5.95
CA ILE A 65 4.85 4.62 6.49
C ILE A 65 4.13 5.89 6.92
N LEU A 66 2.84 6.01 6.60
CA LEU A 66 2.07 7.20 6.98
C LEU A 66 2.22 7.49 8.47
N GLY A 67 2.55 8.73 8.78
CA GLY A 67 2.81 9.18 10.15
C GLY A 67 1.52 9.29 10.92
N PHE A 68 1.39 8.45 11.93
CA PHE A 68 0.18 8.40 12.73
C PHE A 68 0.28 9.39 13.89
N ILE A 69 -0.80 10.14 14.12
CA ILE A 69 -0.80 11.11 15.21
C ILE A 69 -1.55 10.58 16.42
N ALA A 70 -2.80 10.17 16.21
CA ALA A 70 -3.62 9.70 17.34
C ALA A 70 -4.90 9.00 16.92
N ALA A 71 -5.37 8.12 17.80
CA ALA A 71 -6.76 7.67 17.74
C ALA A 71 -7.50 8.44 18.82
N ASP A 72 -8.76 8.78 18.58
CA ASP A 72 -9.51 9.56 19.56
C ASP A 72 -11.01 9.34 19.38
N ASN A 73 -11.78 9.83 20.33
CA ASN A 73 -13.24 9.91 20.19
C ASN A 73 -13.62 11.39 20.15
N LYS A 74 -14.71 11.70 19.47
CA LYS A 74 -15.28 13.04 19.55
C LYS A 74 -16.81 12.90 19.62
N ASP A 75 -17.41 13.40 20.70
CA ASP A 75 -18.87 13.38 20.87
C ASP A 75 -19.39 14.76 20.47
N ASN A 76 -20.26 14.82 19.45
CA ASN A 76 -20.79 16.11 19.00
C ASN A 76 -22.05 16.56 19.72
N GLY A 77 -22.52 15.72 20.65
CA GLY A 77 -23.74 16.01 21.40
C GLY A 77 -24.89 15.09 20.98
N THR A 78 -24.74 14.42 19.84
CA THR A 78 -25.75 13.48 19.36
C THR A 78 -25.18 12.08 19.20
N TRP A 79 -24.03 12.00 18.54
CA TRP A 79 -23.36 10.72 18.34
C TRP A 79 -21.86 10.86 18.54
N THR A 80 -21.21 9.72 18.72
CA THR A 80 -19.78 9.68 18.94
C THR A 80 -19.13 9.29 17.63
N GLN A 81 -18.09 10.05 17.27
CA GLN A 81 -17.24 9.75 16.12
C GLN A 81 -15.95 9.14 16.64
N LEU A 82 -15.46 8.15 15.91
CA LEU A 82 -14.18 7.53 16.19
C LEU A 82 -13.17 8.01 15.17
N TRP A 83 -12.10 8.64 15.65
CA TRP A 83 -11.16 9.34 14.76
C TRP A 83 -9.80 8.65 14.70
N LEU A 84 -9.21 8.64 13.51
CA LEU A 84 -7.78 8.43 13.33
C LEU A 84 -7.20 9.68 12.69
N VAL A 85 -6.11 10.18 13.28
CA VAL A 85 -5.50 11.43 12.81
C VAL A 85 -4.09 11.11 12.33
N SER A 86 -3.72 11.62 11.17
CA SER A 86 -2.41 11.35 10.58
C SER A 86 -1.81 12.59 9.95
N ASP A 87 -0.55 12.51 9.56
CA ASP A 87 0.07 13.51 8.69
C ASP A 87 -0.78 13.74 7.45
N TYR A 88 -0.74 14.97 6.92
CA TYR A 88 -1.41 15.29 5.68
C TYR A 88 -0.40 15.45 4.54
N HIS A 89 -0.72 14.86 3.39
CA HIS A 89 0.12 14.94 2.20
C HIS A 89 -0.71 15.45 1.04
N GLU A 90 -0.43 16.69 0.64
CA GLU A 90 -1.26 17.40 -0.34
C GLU A 90 -1.43 16.67 -1.68
N HIS A 91 -0.41 15.96 -2.13
CA HIS A 91 -0.51 15.18 -3.39
C HIS A 91 -1.58 14.09 -3.32
N GLY A 92 -1.89 13.63 -2.12
CA GLY A 92 -2.80 12.49 -1.96
C GLY A 92 -2.16 11.19 -2.43
N SER A 93 -2.98 10.30 -2.97
CA SER A 93 -2.52 8.95 -3.30
C SER A 93 -1.61 8.90 -4.53
N LEU A 94 -0.80 7.84 -4.58
CA LEU A 94 -0.01 7.55 -5.75
C LEU A 94 -0.90 7.40 -7.00
N PHE A 95 -2.07 6.79 -6.81
CA PHE A 95 -3.08 6.71 -7.89
C PHE A 95 -3.40 8.11 -8.43
N ASP A 96 -3.70 9.05 -7.53
CA ASP A 96 -4.03 10.41 -7.95
C ASP A 96 -2.85 11.06 -8.66
N TYR A 97 -1.66 10.92 -8.05
CA TYR A 97 -0.42 11.49 -8.56
C TYR A 97 -0.09 11.00 -9.98
N LEU A 98 -0.19 9.68 -10.20
CA LEU A 98 0.11 9.09 -11.49
C LEU A 98 -0.93 9.45 -12.56
N ASN A 99 -2.18 9.71 -12.15
CA ASN A 99 -3.17 10.21 -13.10
C ASN A 99 -2.85 11.63 -13.52
N ARG A 100 -2.42 12.45 -12.56
CA ARG A 100 -2.18 13.87 -12.81
C ARG A 100 -0.90 14.15 -13.59
N TYR A 101 0.14 13.36 -13.33
CA TYR A 101 1.49 13.68 -13.74
C TYR A 101 2.20 12.55 -14.45
N THR A 102 3.19 12.90 -15.26
CA THR A 102 4.22 11.97 -15.66
C THR A 102 5.41 12.20 -14.74
N VAL A 103 6.36 11.25 -14.74
CA VAL A 103 7.53 11.37 -13.89
C VAL A 103 8.80 11.20 -14.71
N THR A 104 9.89 11.72 -14.17
CA THR A 104 11.21 11.54 -14.75
C THR A 104 11.72 10.16 -14.35
N VAL A 105 12.85 9.75 -14.91
CA VAL A 105 13.50 8.50 -14.49
C VAL A 105 13.84 8.59 -12.99
N GLU A 106 14.39 9.73 -12.58
CA GLU A 106 14.71 9.96 -11.16
C GLU A 106 13.43 9.84 -10.32
N GLY A 107 12.36 10.50 -10.78
CA GLY A 107 11.07 10.52 -10.07
C GLY A 107 10.49 9.13 -9.91
N MET A 108 10.57 8.32 -10.96
CA MET A 108 10.12 6.93 -10.92
C MET A 108 10.88 6.15 -9.86
N ILE A 109 12.21 6.26 -9.89
CA ILE A 109 13.04 5.49 -8.96
C ILE A 109 12.76 5.92 -7.52
N LYS A 110 12.58 7.22 -7.31
CA LYS A 110 12.20 7.73 -5.98
C LYS A 110 10.92 7.11 -5.47
N LEU A 111 9.90 7.06 -6.34
CA LEU A 111 8.60 6.51 -5.93
C LEU A 111 8.70 5.02 -5.64
N ALA A 112 9.39 4.28 -6.51
CA ALA A 112 9.53 2.83 -6.37
C ALA A 112 10.39 2.44 -5.16
N LEU A 113 11.55 3.09 -5.03
CA LEU A 113 12.44 2.84 -3.89
C LEU A 113 11.77 3.14 -2.54
N SER A 114 11.06 4.27 -2.45
CA SER A 114 10.42 4.61 -1.17
C SER A 114 9.31 3.63 -0.83
N THR A 115 8.55 3.21 -1.84
CA THR A 115 7.52 2.20 -1.64
C THR A 115 8.12 0.91 -1.11
N ALA A 116 9.18 0.44 -1.77
CA ALA A 116 9.87 -0.79 -1.38
C ALA A 116 10.46 -0.67 0.03
N SER A 117 11.00 0.51 0.36
CA SER A 117 11.56 0.76 1.69
C SER A 117 10.49 0.69 2.79
N GLY A 118 9.31 1.27 2.51
CA GLY A 118 8.21 1.18 3.45
C GLY A 118 7.77 -0.26 3.65
N LEU A 119 7.64 -1.00 2.56
CA LEU A 119 7.18 -2.38 2.66
C LEU A 119 8.22 -3.26 3.37
N ALA A 120 9.51 -3.00 3.08
CA ALA A 120 10.58 -3.77 3.71
C ALA A 120 10.54 -3.51 5.21
N HIS A 121 10.31 -2.25 5.59
CA HIS A 121 10.13 -1.93 7.00
C HIS A 121 8.91 -2.63 7.63
N LEU A 122 7.75 -2.56 6.97
CA LEU A 122 6.59 -3.30 7.45
C LEU A 122 6.94 -4.76 7.66
N HIS A 123 7.57 -5.36 6.65
CA HIS A 123 7.82 -6.79 6.64
C HIS A 123 8.88 -7.24 7.65
N MET A 124 9.74 -6.33 8.08
CA MET A 124 10.89 -6.67 8.91
C MET A 124 10.53 -6.82 10.40
N GLU A 125 10.93 -7.94 10.98
CA GLU A 125 10.91 -8.02 12.43
C GLU A 125 12.14 -7.29 12.99
N ILE A 126 11.93 -6.43 13.97
CA ILE A 126 13.04 -5.81 14.71
C ILE A 126 13.04 -6.47 16.08
N VAL A 127 14.14 -7.15 16.41
CA VAL A 127 14.22 -7.87 17.66
C VAL A 127 14.64 -6.88 18.76
N GLY A 128 14.37 -7.20 20.02
CA GLY A 128 14.76 -6.32 21.12
C GLY A 128 13.64 -6.01 22.09
N THR A 129 13.95 -5.23 23.13
CA THR A 129 12.98 -4.91 24.17
C THR A 129 11.83 -4.08 23.62
N GLN A 130 12.17 -3.17 22.71
CA GLN A 130 11.17 -2.39 21.99
C GLN A 130 11.13 -2.95 20.59
N GLY A 131 10.73 -4.21 20.49
CA GLY A 131 10.76 -4.96 19.25
C GLY A 131 9.54 -4.69 18.42
N LYS A 132 9.74 -4.72 17.11
CA LYS A 132 8.66 -4.55 16.15
C LYS A 132 8.36 -5.90 15.52
N PRO A 133 7.09 -6.36 15.55
CA PRO A 133 6.78 -7.60 14.84
C PRO A 133 6.77 -7.37 13.32
N ALA A 134 7.00 -8.42 12.56
CA ALA A 134 6.81 -8.38 11.11
C ALA A 134 5.33 -8.16 10.85
N ILE A 135 5.02 -7.36 9.83
CA ILE A 135 3.65 -7.02 9.50
C ILE A 135 3.48 -7.18 8.00
N ALA A 136 2.37 -7.79 7.60
CA ALA A 136 1.98 -7.86 6.19
C ALA A 136 0.73 -7.01 5.98
N HIS A 137 0.64 -6.35 4.83
CA HIS A 137 -0.35 -5.30 4.60
C HIS A 137 -1.73 -5.87 4.23
N ARG A 138 -1.73 -6.76 3.24
CA ARG A 138 -2.92 -7.49 2.72
C ARG A 138 -3.82 -6.74 1.74
N ASP A 139 -3.56 -5.45 1.51
CA ASP A 139 -4.33 -4.71 0.52
C ASP A 139 -3.53 -3.55 -0.09
N LEU A 140 -2.28 -3.80 -0.43
CA LEU A 140 -1.43 -2.76 -1.00
C LEU A 140 -1.86 -2.44 -2.42
N LYS A 141 -1.98 -1.16 -2.71
CA LYS A 141 -2.33 -0.71 -4.06
C LYS A 141 -1.99 0.78 -4.22
N SER A 142 -2.08 1.30 -5.44
CA SER A 142 -1.71 2.69 -5.66
C SER A 142 -2.63 3.67 -4.91
N LYS A 143 -3.86 3.27 -4.64
CA LYS A 143 -4.82 4.14 -3.93
C LYS A 143 -4.52 4.33 -2.46
N ASN A 144 -3.74 3.43 -1.86
CA ASN A 144 -3.38 3.59 -0.44
C ASN A 144 -1.90 3.81 -0.15
N ILE A 145 -1.16 4.20 -1.19
CA ILE A 145 0.17 4.73 -1.03
C ILE A 145 0.04 6.23 -1.28
N LEU A 146 0.63 7.04 -0.41
CA LEU A 146 0.54 8.51 -0.54
C LEU A 146 1.87 9.06 -0.99
N VAL A 147 1.83 10.21 -1.68
CA VAL A 147 3.05 10.85 -2.19
C VAL A 147 3.28 12.13 -1.41
N LYS A 148 4.47 12.23 -0.83
CA LYS A 148 4.86 13.37 -0.01
C LYS A 148 5.37 14.50 -0.89
N LYS A 149 5.44 15.70 -0.34
CA LYS A 149 6.00 16.86 -1.05
C LYS A 149 7.39 16.58 -1.66
N ASN A 150 8.23 15.82 -0.96
CA ASN A 150 9.58 15.53 -1.46
C ASN A 150 9.64 14.46 -2.57
N GLY A 151 8.47 14.00 -3.02
CA GLY A 151 8.42 13.03 -4.13
C GLY A 151 8.65 11.58 -3.74
N THR A 152 8.66 11.30 -2.44
CA THR A 152 8.73 9.93 -1.93
C THR A 152 7.36 9.50 -1.44
N CYS A 153 7.18 8.20 -1.29
CA CYS A 153 5.91 7.60 -0.94
C CYS A 153 5.87 7.16 0.50
N CYS A 154 4.67 7.07 1.06
CA CYS A 154 4.48 6.38 2.33
C CYS A 154 3.21 5.54 2.26
N ILE A 155 3.26 4.41 2.96
CA ILE A 155 2.17 3.43 2.90
C ILE A 155 1.12 3.71 3.97
N ALA A 156 -0.15 3.72 3.56
CA ALA A 156 -1.27 3.93 4.47
C ALA A 156 -2.25 2.75 4.44
N ASP A 157 -3.40 2.94 5.08
CA ASP A 157 -4.51 1.97 5.07
C ASP A 157 -4.06 0.63 5.66
N LEU A 158 -3.62 0.66 6.91
CA LEU A 158 -3.04 -0.52 7.55
C LEU A 158 -4.07 -1.37 8.32
N GLY A 159 -5.35 -1.07 8.13
CA GLY A 159 -6.43 -1.74 8.87
C GLY A 159 -6.60 -3.23 8.65
N LEU A 160 -6.14 -3.73 7.50
CA LEU A 160 -6.25 -5.16 7.19
C LEU A 160 -4.98 -5.89 7.50
N ALA A 161 -3.99 -5.19 8.05
CA ALA A 161 -2.69 -5.80 8.27
C ALA A 161 -2.71 -6.95 9.29
N VAL A 162 -1.78 -7.88 9.15
CA VAL A 162 -1.58 -8.96 10.13
C VAL A 162 -0.17 -8.88 10.71
N ARG A 163 -0.06 -9.20 12.00
CA ARG A 163 1.24 -9.13 12.68
C ARG A 163 1.71 -10.52 13.13
N HIS A 164 3.02 -10.77 13.00
CA HIS A 164 3.59 -12.10 13.24
C HIS A 164 4.28 -12.18 14.59
N ASP A 165 4.04 -13.28 15.30
CA ASP A 165 4.86 -13.65 16.46
C ASP A 165 5.86 -14.73 16.02
N SER A 166 7.13 -14.36 15.89
CA SER A 166 8.08 -15.25 15.23
C SER A 166 8.45 -16.49 16.05
N ALA A 167 8.39 -16.38 17.37
CA ALA A 167 8.74 -17.51 18.25
C ALA A 167 7.75 -18.68 18.14
N THR A 168 6.47 -18.37 17.93
CA THR A 168 5.43 -19.38 17.75
C THR A 168 5.02 -19.65 16.29
N ASP A 169 5.46 -18.78 15.38
CA ASP A 169 5.01 -18.77 13.97
C ASP A 169 3.48 -18.68 13.89
N THR A 170 2.92 -17.71 14.60
CA THR A 170 1.48 -17.48 14.61
C THR A 170 1.18 -16.01 14.29
N ILE A 171 -0.08 -15.76 13.92
CA ILE A 171 -0.51 -14.45 13.47
C ILE A 171 -1.57 -13.92 14.44
N ASP A 172 -1.57 -12.60 14.68
CA ASP A 172 -2.34 -12.04 15.80
C ASP A 172 -3.86 -12.03 15.65
N ILE A 173 -4.34 -12.27 14.43
CA ILE A 173 -5.78 -12.40 14.22
C ILE A 173 -6.04 -13.67 13.42
N ALA A 174 -7.31 -14.02 13.25
CA ALA A 174 -7.69 -15.21 12.49
C ALA A 174 -8.08 -14.79 11.08
N PRO A 175 -7.11 -14.82 10.15
CA PRO A 175 -7.43 -14.39 8.80
C PRO A 175 -8.08 -15.52 7.99
N ARG A 178 -10.47 -13.90 2.05
CA ARG A 178 -10.01 -13.17 0.87
C ARG A 178 -10.26 -11.67 1.00
N VAL A 179 -9.44 -11.03 1.83
CA VAL A 179 -9.59 -9.62 2.04
C VAL A 179 -8.79 -8.91 0.96
N GLY A 180 -9.13 -7.66 0.75
CA GLY A 180 -8.33 -6.83 -0.10
C GLY A 180 -8.94 -6.66 -1.46
N THR A 181 -8.22 -5.94 -2.30
CA THR A 181 -8.76 -5.48 -3.57
C THR A 181 -8.52 -6.55 -4.59
N LYS A 182 -9.61 -6.95 -5.26
CA LYS A 182 -9.56 -8.12 -6.15
C LYS A 182 -8.53 -8.00 -7.25
N ARG A 183 -8.43 -6.82 -7.84
CA ARG A 183 -7.50 -6.60 -8.95
C ARG A 183 -6.03 -6.87 -8.58
N TYR A 184 -5.68 -6.62 -7.32
CA TYR A 184 -4.30 -6.77 -6.85
C TYR A 184 -4.02 -8.07 -6.10
N MET A 185 -5.01 -8.96 -6.05
CA MET A 185 -4.84 -10.23 -5.32
C MET A 185 -3.87 -11.16 -6.03
N ALA A 186 -2.96 -11.75 -5.26
CA ALA A 186 -1.96 -12.65 -5.80
C ALA A 186 -2.64 -13.93 -6.30
N PRO A 187 -2.01 -14.63 -7.25
CA PRO A 187 -2.59 -15.85 -7.81
C PRO A 187 -3.09 -16.79 -6.71
N GLU A 188 -2.27 -16.97 -5.68
CA GLU A 188 -2.59 -17.94 -4.61
C GLU A 188 -3.73 -17.45 -3.70
N VAL A 189 -3.95 -16.14 -3.68
CA VAL A 189 -5.11 -15.58 -3.01
C VAL A 189 -6.38 -15.80 -3.85
N LEU A 190 -6.28 -15.54 -5.15
CA LEU A 190 -7.40 -15.74 -6.09
C LEU A 190 -7.92 -17.18 -6.13
N ASP A 191 -7.01 -18.15 -6.12
CA ASP A 191 -7.38 -19.55 -6.26
C ASP A 191 -7.50 -20.27 -4.91
N ASP A 192 -7.36 -19.50 -3.83
CA ASP A 192 -7.57 -19.96 -2.47
C ASP A 192 -6.59 -21.06 -2.03
N SER A 193 -5.43 -21.10 -2.67
CA SER A 193 -4.39 -22.09 -2.33
C SER A 193 -3.41 -21.57 -1.26
N ILE A 194 -3.46 -20.26 -0.99
CA ILE A 194 -2.59 -19.64 -0.01
C ILE A 194 -2.72 -20.33 1.34
N ASN A 195 -1.59 -20.64 1.96
CA ASN A 195 -1.59 -21.18 3.31
C ASN A 195 -1.55 -20.05 4.32
N MET A 196 -2.73 -19.72 4.86
CA MET A 196 -2.87 -18.55 5.75
C MET A 196 -2.35 -18.75 7.17
N LYS A 197 -1.90 -19.96 7.49
CA LYS A 197 -1.19 -20.22 8.74
C LYS A 197 0.30 -19.89 8.59
N HIS A 198 0.72 -19.58 7.36
CA HIS A 198 2.12 -19.32 7.04
C HIS A 198 2.28 -17.81 6.81
N PHE A 199 2.93 -17.12 7.75
CA PHE A 199 3.04 -15.66 7.64
C PHE A 199 3.78 -15.20 6.38
N GLU A 200 4.85 -15.90 6.01
CA GLU A 200 5.63 -15.55 4.82
C GLU A 200 4.74 -15.51 3.57
N SER A 201 3.67 -16.29 3.55
CA SER A 201 2.72 -16.26 2.43
C SER A 201 2.08 -14.90 2.25
N PHE A 202 1.77 -14.24 3.36
CA PHE A 202 1.18 -12.88 3.29
C PHE A 202 2.20 -11.85 2.78
N LYS A 203 3.45 -11.97 3.23
CA LYS A 203 4.54 -11.13 2.71
C LYS A 203 4.66 -11.30 1.20
N ARG A 204 4.70 -12.55 0.74
CA ARG A 204 4.83 -12.83 -0.68
C ARG A 204 3.68 -12.25 -1.50
N ALA A 205 2.47 -12.33 -0.95
CA ALA A 205 1.28 -11.73 -1.61
C ALA A 205 1.40 -10.21 -1.74
N ASP A 206 1.94 -9.56 -0.71
CA ASP A 206 2.21 -8.11 -0.74
C ASP A 206 3.17 -7.78 -1.88
N ILE A 207 4.18 -8.62 -2.10
CA ILE A 207 5.18 -8.35 -3.10
C ILE A 207 4.58 -8.38 -4.50
N TYR A 208 3.70 -9.34 -4.76
CA TYR A 208 3.01 -9.43 -6.03
C TYR A 208 2.28 -8.11 -6.31
N ALA A 209 1.56 -7.64 -5.29
CA ALA A 209 0.81 -6.38 -5.43
C ALA A 209 1.74 -5.19 -5.66
N MET A 210 2.88 -5.16 -4.96
CA MET A 210 3.84 -4.08 -5.19
C MET A 210 4.38 -4.09 -6.63
N GLY A 211 4.60 -5.29 -7.18
CA GLY A 211 5.00 -5.39 -8.59
C GLY A 211 3.99 -4.71 -9.51
N LEU A 212 2.71 -4.91 -9.23
CA LEU A 212 1.65 -4.25 -10.01
C LEU A 212 1.73 -2.73 -9.88
N VAL A 213 1.96 -2.26 -8.66
CA VAL A 213 2.15 -0.82 -8.44
C VAL A 213 3.35 -0.28 -9.22
N PHE A 214 4.45 -1.02 -9.25
CA PHE A 214 5.64 -0.60 -9.99
C PHE A 214 5.33 -0.45 -11.49
N TRP A 215 4.52 -1.36 -12.00
CA TRP A 215 4.07 -1.27 -13.40
C TRP A 215 3.30 0.03 -13.64
N GLU A 216 2.39 0.36 -12.74
CA GLU A 216 1.64 1.62 -12.82
C GLU A 216 2.55 2.83 -12.88
N ILE A 217 3.58 2.84 -12.03
CA ILE A 217 4.55 3.94 -12.00
C ILE A 217 5.36 4.02 -13.30
N ALA A 218 5.91 2.88 -13.73
CA ALA A 218 6.75 2.81 -14.91
C ALA A 218 6.06 3.31 -16.19
N ARG A 219 4.75 3.07 -16.32
CA ARG A 219 3.96 3.58 -17.45
C ARG A 219 4.08 5.10 -17.58
N ARG A 220 4.21 5.78 -16.44
CA ARG A 220 4.18 7.23 -16.37
C ARG A 220 5.58 7.85 -16.44
N CYS A 221 6.60 7.01 -16.59
CA CYS A 221 7.96 7.50 -16.73
C CYS A 221 8.17 8.04 -18.15
N SER A 222 8.28 9.36 -18.27
CA SER A 222 8.37 10.01 -19.57
C SER A 222 9.83 10.27 -19.92
N ILE A 223 10.28 9.67 -21.02
CA ILE A 223 11.62 9.89 -21.56
C ILE A 223 11.49 10.36 -23.01
N GLY A 224 12.04 11.54 -23.30
CA GLY A 224 11.99 12.12 -24.63
C GLY A 224 10.57 12.35 -25.13
N GLY A 225 9.69 12.73 -24.21
CA GLY A 225 8.27 12.92 -24.50
C GLY A 225 7.43 11.66 -24.58
N ILE A 226 8.07 10.49 -24.44
CA ILE A 226 7.39 9.21 -24.62
C ILE A 226 7.00 8.59 -23.28
N HIS A 227 5.71 8.29 -23.14
CA HIS A 227 5.15 7.60 -21.96
C HIS A 227 3.81 6.96 -22.29
N GLU A 228 3.31 6.12 -21.39
CA GLU A 228 2.01 5.48 -21.57
C GLU A 228 0.95 6.26 -20.78
N ASP A 229 -0.32 6.14 -21.18
CA ASP A 229 -1.44 6.71 -20.42
C ASP A 229 -1.53 6.01 -19.06
N TYR A 230 -2.12 6.67 -18.06
CA TYR A 230 -2.35 6.00 -16.77
C TYR A 230 -3.36 4.85 -16.94
N GLN A 231 -2.99 3.67 -16.45
CA GLN A 231 -3.98 2.58 -16.30
C GLN A 231 -3.73 1.80 -15.02
N LEU A 232 -4.80 1.24 -14.48
CA LEU A 232 -4.72 0.20 -13.45
C LEU A 232 -4.22 -1.11 -14.04
N PRO A 233 -3.54 -1.93 -13.24
CA PRO A 233 -3.12 -3.25 -13.78
C PRO A 233 -4.32 -4.07 -14.22
N TYR A 234 -4.19 -4.75 -15.37
CA TYR A 234 -5.25 -5.59 -15.96
C TYR A 234 -6.38 -4.79 -16.58
N TYR A 235 -6.16 -3.48 -16.82
CA TYR A 235 -7.18 -2.63 -17.44
C TYR A 235 -7.63 -3.23 -18.77
N ASP A 236 -6.72 -3.98 -19.42
CA ASP A 236 -6.89 -4.56 -20.75
C ASP A 236 -7.58 -5.92 -20.76
N LEU A 237 -7.94 -6.44 -19.59
CA LEU A 237 -8.34 -7.84 -19.44
C LEU A 237 -9.53 -8.12 -18.54
N VAL A 238 -9.88 -7.16 -17.66
CA VAL A 238 -10.99 -7.33 -16.72
C VAL A 238 -11.85 -6.06 -16.67
N PRO A 239 -13.11 -6.19 -16.18
CA PRO A 239 -13.96 -5.00 -15.97
C PRO A 239 -13.43 -4.07 -14.87
N SER A 240 -13.96 -2.86 -14.77
CA SER A 240 -13.51 -1.88 -13.76
C SER A 240 -13.59 -2.33 -12.30
N ASP A 241 -14.60 -3.14 -12.00
CA ASP A 241 -14.77 -3.63 -10.62
C ASP A 241 -14.84 -5.15 -10.73
N PRO A 242 -13.68 -5.79 -10.92
CA PRO A 242 -13.68 -7.21 -11.28
C PRO A 242 -14.02 -8.13 -10.11
N SER A 243 -14.65 -9.27 -10.40
CA SER A 243 -14.91 -10.27 -9.39
C SER A 243 -13.67 -11.15 -9.21
N VAL A 244 -13.65 -11.94 -8.15
CA VAL A 244 -12.59 -12.91 -7.93
C VAL A 244 -12.51 -13.87 -9.12
N GLU A 245 -13.66 -14.30 -9.62
CA GLU A 245 -13.69 -15.24 -10.73
C GLU A 245 -13.09 -14.64 -11.99
N GLU A 246 -13.42 -13.37 -12.27
CA GLU A 246 -12.87 -12.69 -13.45
C GLU A 246 -11.35 -12.57 -13.36
N MET A 247 -10.87 -12.22 -12.17
CA MET A 247 -9.44 -12.10 -11.93
C MET A 247 -8.78 -13.47 -12.01
N ARG A 248 -9.40 -14.49 -11.40
CA ARG A 248 -8.83 -15.84 -11.38
C ARG A 248 -8.65 -16.41 -12.79
N LYS A 249 -9.64 -16.20 -13.66
CA LYS A 249 -9.55 -16.72 -15.03
C LYS A 249 -8.35 -16.11 -15.76
N VAL A 250 -8.08 -14.83 -15.53
CA VAL A 250 -6.97 -14.13 -16.17
C VAL A 250 -5.62 -14.50 -15.56
N VAL A 251 -5.52 -14.37 -14.24
CA VAL A 251 -4.22 -14.42 -13.56
C VAL A 251 -3.77 -15.87 -13.32
N CYS A 252 -4.73 -16.72 -12.95
CA CYS A 252 -4.44 -18.11 -12.60
C CYS A 252 -4.57 -19.08 -13.79
N GLU A 253 -5.63 -18.94 -14.57
CA GLU A 253 -5.89 -19.89 -15.65
C GLU A 253 -5.15 -19.51 -16.92
N GLN A 254 -5.36 -18.30 -17.40
CA GLN A 254 -4.68 -17.89 -18.63
C GLN A 254 -3.23 -17.50 -18.35
N LYS A 255 -2.92 -17.27 -17.07
CA LYS A 255 -1.55 -16.96 -16.61
C LYS A 255 -0.97 -15.64 -17.16
N LEU A 256 -1.85 -14.65 -17.33
CA LEU A 256 -1.45 -13.36 -17.86
C LEU A 256 -1.01 -12.40 -16.76
N ARG A 257 -0.11 -11.49 -17.12
CA ARG A 257 0.32 -10.40 -16.26
C ARG A 257 0.23 -9.10 -17.06
N PRO A 258 0.37 -7.95 -16.40
CA PRO A 258 0.40 -6.71 -17.18
C PRO A 258 1.50 -6.71 -18.23
N ASN A 259 1.20 -6.13 -19.40
CA ASN A 259 2.15 -6.15 -20.51
C ASN A 259 3.29 -5.20 -20.25
N ILE A 260 4.51 -5.66 -20.57
CA ILE A 260 5.69 -4.84 -20.45
C ILE A 260 6.03 -4.25 -21.83
N PRO A 261 5.82 -2.93 -22.01
CA PRO A 261 6.03 -2.22 -23.29
C PRO A 261 7.44 -2.38 -23.79
N ASN A 262 7.58 -2.47 -25.12
CA ASN A 262 8.90 -2.61 -25.74
C ASN A 262 9.85 -1.45 -25.48
N ARG A 263 9.30 -0.23 -25.43
CA ARG A 263 10.13 0.96 -25.22
C ARG A 263 10.87 0.97 -23.86
N TRP A 264 10.50 0.05 -22.97
CA TRP A 264 11.15 -0.07 -21.65
C TRP A 264 12.51 -0.73 -21.70
N GLN A 265 12.74 -1.53 -22.75
CA GLN A 265 14.03 -2.19 -22.91
C GLN A 265 15.14 -1.23 -23.38
N SER A 266 14.73 -0.05 -23.85
CA SER A 266 15.67 0.95 -24.36
C SER A 266 16.34 1.81 -23.27
N CYS A 267 15.90 1.63 -22.02
CA CYS A 267 16.42 2.40 -20.90
C CYS A 267 16.76 1.50 -19.72
N GLU A 268 17.98 1.64 -19.18
CA GLU A 268 18.46 0.79 -18.07
C GLU A 268 17.55 0.82 -16.84
N ALA A 269 17.15 2.01 -16.42
CA ALA A 269 16.24 2.13 -15.27
C ALA A 269 14.94 1.37 -15.52
N LEU A 270 14.40 1.50 -16.72
CA LEU A 270 13.16 0.79 -17.06
C LEU A 270 13.36 -0.73 -17.21
N ARG A 271 14.55 -1.13 -17.66
CA ARG A 271 14.89 -2.56 -17.72
C ARG A 271 14.94 -3.17 -16.31
N VAL A 272 15.53 -2.43 -15.38
CA VAL A 272 15.69 -2.89 -13.99
C VAL A 272 14.30 -3.03 -13.36
N MET A 273 13.44 -2.03 -13.61
CA MET A 273 12.06 -2.04 -13.11
C MET A 273 11.25 -3.20 -13.67
N ALA A 274 11.36 -3.42 -14.98
CA ALA A 274 10.66 -4.51 -15.65
C ALA A 274 11.08 -5.88 -15.10
N LYS A 275 12.38 -6.01 -14.78
CA LYS A 275 12.90 -7.26 -14.24
C LYS A 275 12.37 -7.46 -12.82
N ILE A 276 12.31 -6.39 -12.03
CA ILE A 276 11.70 -6.47 -10.71
C ILE A 276 10.24 -6.94 -10.84
N MET A 277 9.48 -6.33 -11.75
CA MET A 277 8.07 -6.72 -11.95
C MET A 277 7.91 -8.21 -12.23
N ARG A 278 8.64 -8.72 -13.23
CA ARG A 278 8.62 -10.14 -13.57
C ARG A 278 8.84 -11.00 -12.34
N GLU A 279 9.79 -10.59 -11.50
CA GLU A 279 10.19 -11.37 -10.32
C GLU A 279 9.30 -11.14 -9.08
N CYS A 280 8.30 -10.27 -9.22
CA CYS A 280 7.23 -10.12 -8.22
C CYS A 280 5.98 -10.89 -8.66
N TRP A 281 5.93 -11.24 -9.94
CA TRP A 281 4.73 -11.79 -10.57
C TRP A 281 4.68 -13.31 -10.75
N TYR A 282 5.76 -14.01 -10.36
CA TYR A 282 5.78 -15.46 -10.40
C TYR A 282 4.54 -15.99 -9.69
N ALA A 283 3.92 -17.01 -10.29
CA ALA A 283 2.77 -17.68 -9.68
C ALA A 283 3.12 -18.29 -8.31
N ASN A 284 4.36 -18.78 -8.20
CA ASN A 284 4.87 -19.30 -6.94
C ASN A 284 5.46 -18.21 -6.05
N GLY A 285 4.75 -17.90 -4.96
CA GLY A 285 5.15 -16.88 -4.01
C GLY A 285 6.57 -17.04 -3.51
N ALA A 286 7.01 -18.29 -3.34
CA ALA A 286 8.33 -18.56 -2.79
C ALA A 286 9.47 -18.11 -3.70
N ALA A 287 9.17 -17.91 -4.98
CA ALA A 287 10.15 -17.49 -5.98
C ALA A 287 10.29 -15.97 -6.08
N ARG A 288 9.33 -15.23 -5.52
CA ARG A 288 9.33 -13.77 -5.63
C ARG A 288 10.48 -13.12 -4.87
N LEU A 289 10.89 -11.95 -5.35
CA LEU A 289 11.82 -11.09 -4.59
C LEU A 289 11.25 -10.73 -3.24
N THR A 290 12.13 -10.46 -2.29
CA THR A 290 11.70 -9.86 -1.02
C THR A 290 11.74 -8.34 -1.19
N ALA A 291 11.01 -7.63 -0.32
CA ALA A 291 11.04 -6.18 -0.35
C ALA A 291 12.44 -5.66 -0.07
N LEU A 292 13.16 -6.32 0.84
CA LEU A 292 14.54 -5.96 1.17
C LEU A 292 15.45 -6.00 -0.07
N ARG A 293 15.32 -7.06 -0.86
CA ARG A 293 16.09 -7.25 -2.08
C ARG A 293 15.74 -6.17 -3.11
N ILE A 294 14.46 -5.87 -3.22
CA ILE A 294 14.03 -4.83 -4.15
C ILE A 294 14.61 -3.47 -3.73
N LYS A 295 14.54 -3.16 -2.44
CA LYS A 295 15.10 -1.92 -1.91
C LYS A 295 16.59 -1.78 -2.26
N LYS A 296 17.34 -2.86 -2.08
CA LYS A 296 18.78 -2.89 -2.35
C LYS A 296 19.06 -2.60 -3.82
N THR A 297 18.31 -3.27 -4.70
CA THR A 297 18.43 -3.12 -6.16
C THR A 297 18.11 -1.70 -6.62
N LEU A 298 17.00 -1.14 -6.13
CA LEU A 298 16.66 0.24 -6.43
C LEU A 298 17.62 1.26 -5.81
N SER A 299 18.18 0.95 -4.63
CA SER A 299 19.14 1.85 -4.00
C SER A 299 20.40 1.98 -4.85
N GLN A 300 20.86 0.84 -5.35
CA GLN A 300 22.01 0.78 -6.27
C GLN A 300 21.71 1.48 -7.60
N LEU A 301 20.46 1.42 -8.03
CA LEU A 301 20.03 2.14 -9.22
C LEU A 301 19.95 3.66 -8.98
N SER A 302 19.51 4.07 -7.80
CA SER A 302 19.35 5.48 -7.47
C SER A 302 20.70 6.20 -7.36
CAM 085 B . -5.40 10.47 2.87
CAZ 085 B . -4.75 11.69 2.64
OAS 085 B . -4.94 12.60 1.65
CAN 085 B . -4.12 13.71 1.98
OAR 085 B . -3.27 13.32 3.08
CAY 085 B . -3.75 12.11 3.50
CAL 085 B . -3.38 11.32 4.59
CAK 085 B . -4.05 10.11 4.81
CAW 085 B . -5.08 9.68 3.97
CBB 085 B . -5.73 8.42 4.11
NAP 085 B . -6.09 7.66 3.07
CBA 085 B . -6.61 6.52 3.50
CAV 085 B . -7.11 5.50 2.68
CAJ 085 B . -7.82 4.40 3.22
CAH 085 B . -8.30 3.40 2.38
CAI 085 B . -6.88 5.54 1.30
CAG 085 B . -7.35 4.52 0.46
CAU 085 B . -8.08 3.45 1.00
CAT 085 B . -8.61 2.33 0.10
OAB 085 B . -8.69 1.17 0.49
NAA 085 B . -9.01 2.75 -1.11
NAQ 085 B . -6.59 6.54 4.83
CBC 085 B . -6.04 7.69 5.26
CAX 085 B . -5.89 8.05 6.60
CAF 085 B . -5.58 7.04 7.52
CAD 085 B . -5.44 7.33 8.88
CAC 085 B . -5.66 8.64 9.32
CAE 085 B . -6.00 9.62 8.37
NAO 085 B . -6.11 9.30 7.06
#